data_8EY8
#
_entry.id   8EY8
#
_cell.length_a   36.683
_cell.length_b   45.879
_cell.length_c   58.861
_cell.angle_alpha   90.000
_cell.angle_beta   90.000
_cell.angle_gamma   90.000
#
_symmetry.space_group_name_H-M   'P 21 21 21'
#
loop_
_entity.id
_entity.type
_entity.pdbx_description
1 polymer 'Isoform 2 of La-related protein 1'
2 polymer "RNA (5'-R(*AP*AP*AP*AP*GP*A)-3')"
3 water water
#
loop_
_entity_poly.entity_id
_entity_poly.type
_entity_poly.pdbx_seq_one_letter_code
_entity_poly.pdbx_strand_id
1 'polypeptide(L)'
;MGSSHHHHHHSQELLKDYIKRQIEYYFSVDNLERDFFLRRKMDADGFLPITLIASFHRVQALTTDISLIFAALKDSKVVE
IVDEKVRRREEPEKWPLPP
;
A
2 'polyribonucleotide' AAAAGA B
#
loop_
_chem_comp.id
_chem_comp.type
_chem_comp.name
_chem_comp.formula
A RNA linking ADENOSINE-5'-MONOPHOSPHATE 'C10 H14 N5 O7 P'
G RNA linking GUANOSINE-5'-MONOPHOSPHATE 'C10 H14 N5 O8 P'
#
# COMPACT_ATOMS: atom_id res chain seq x y z
N GLN A 12 3.91 -16.36 -11.09
CA GLN A 12 3.04 -15.51 -10.28
C GLN A 12 2.76 -14.13 -10.87
N GLU A 13 2.92 -13.96 -12.18
CA GLU A 13 2.80 -12.62 -12.74
C GLU A 13 1.36 -12.11 -12.71
N LEU A 14 0.37 -13.00 -12.96
CA LEU A 14 -1.01 -12.55 -12.91
C LEU A 14 -1.39 -12.21 -11.50
N LEU A 15 -0.98 -13.04 -10.54
CA LEU A 15 -1.31 -12.74 -9.16
C LEU A 15 -0.67 -11.43 -8.73
N LYS A 16 0.59 -11.20 -9.13
N LYS A 16 0.59 -11.20 -9.13
CA LYS A 16 1.28 -9.95 -8.83
CA LYS A 16 1.25 -9.94 -8.82
C LYS A 16 0.52 -8.75 -9.38
C LYS A 16 0.46 -8.77 -9.34
N ASP A 17 -0.08 -8.89 -10.56
CA ASP A 17 -0.84 -7.76 -11.09
C ASP A 17 -2.09 -7.48 -10.27
N TYR A 18 -2.82 -8.52 -9.84
CA TYR A 18 -4.00 -8.27 -9.02
C TYR A 18 -3.60 -7.63 -7.70
N ILE A 19 -2.49 -8.11 -7.08
CA ILE A 19 -2.05 -7.53 -5.82
C ILE A 19 -1.68 -6.07 -6.02
N LYS A 20 -0.93 -5.80 -7.07
CA LYS A 20 -0.52 -4.44 -7.37
C LYS A 20 -1.71 -3.52 -7.49
N ARG A 21 -2.72 -3.93 -8.26
CA ARG A 21 -3.85 -3.04 -8.46
C ARG A 21 -4.67 -2.87 -7.20
N GLN A 22 -4.75 -3.91 -6.38
CA GLN A 22 -5.47 -3.73 -5.13
C GLN A 22 -4.79 -2.72 -4.24
N ILE A 23 -3.46 -2.79 -4.15
CA ILE A 23 -2.73 -1.90 -3.27
C ILE A 23 -2.73 -0.51 -3.84
N GLU A 24 -2.69 -0.36 -5.16
CA GLU A 24 -2.80 0.97 -5.74
C GLU A 24 -4.17 1.57 -5.45
N TYR A 25 -5.22 0.76 -5.33
CA TYR A 25 -6.50 1.31 -4.93
C TYR A 25 -6.41 1.89 -3.52
N TYR A 26 -5.81 1.17 -2.59
CA TYR A 26 -5.74 1.73 -1.23
C TYR A 26 -5.03 3.08 -1.22
N PHE A 27 -4.04 3.27 -2.08
CA PHE A 27 -3.29 4.51 -2.15
C PHE A 27 -3.85 5.51 -3.16
N SER A 28 -5.05 5.26 -3.66
CA SER A 28 -5.67 6.21 -4.58
C SER A 28 -6.24 7.37 -3.77
N VAL A 29 -6.34 8.54 -4.41
CA VAL A 29 -6.90 9.69 -3.73
C VAL A 29 -8.35 9.42 -3.31
N ASP A 30 -9.10 8.72 -4.15
CA ASP A 30 -10.48 8.43 -3.83
C ASP A 30 -10.60 7.63 -2.55
N ASN A 31 -9.77 6.58 -2.40
CA ASN A 31 -9.80 5.83 -1.14
C ASN A 31 -9.28 6.67 0.01
N LEU A 32 -8.18 7.39 -0.19
CA LEU A 32 -7.54 8.06 0.95
C LEU A 32 -8.45 9.13 1.52
N GLU A 33 -9.32 9.72 0.70
CA GLU A 33 -10.23 10.73 1.23
C GLU A 33 -11.14 10.19 2.31
N ARG A 34 -11.38 8.87 2.35
CA ARG A 34 -12.24 8.26 3.35
C ARG A 34 -11.55 7.23 4.24
N ASP A 35 -10.28 6.90 4.01
CA ASP A 35 -9.63 5.79 4.71
C ASP A 35 -8.89 6.32 5.92
N PHE A 36 -9.64 6.57 6.98
CA PHE A 36 -9.04 7.15 8.15
C PHE A 36 -8.15 6.17 8.87
N PHE A 37 -8.49 4.89 8.89
CA PHE A 37 -7.62 3.90 9.50
C PHE A 37 -6.24 3.93 8.86
N LEU A 38 -6.17 3.83 7.54
CA LEU A 38 -4.88 3.81 6.87
C LEU A 38 -4.10 5.06 7.18
N ARG A 39 -4.74 6.23 7.14
CA ARG A 39 -4.05 7.49 7.39
C ARG A 39 -3.53 7.60 8.81
N ARG A 40 -4.24 7.06 9.80
CA ARG A 40 -3.76 7.05 11.21
C ARG A 40 -2.57 6.15 11.40
N LYS A 41 -2.36 5.20 10.51
CA LYS A 41 -1.25 4.29 10.63
C LYS A 41 -0.04 4.80 9.88
N MET A 42 -0.17 5.91 9.16
CA MET A 42 0.96 6.46 8.46
C MET A 42 1.87 7.18 9.44
N ASP A 43 3.15 7.17 9.13
CA ASP A 43 4.08 8.06 9.82
C ASP A 43 3.96 9.45 9.21
N ALA A 44 4.68 10.41 9.78
CA ALA A 44 4.51 11.78 9.30
C ALA A 44 4.88 11.97 7.84
N ASP A 45 5.66 11.05 7.26
CA ASP A 45 6.03 11.17 5.85
C ASP A 45 5.12 10.34 4.93
N GLY A 46 4.06 9.76 5.46
CA GLY A 46 3.13 9.04 4.66
C GLY A 46 3.38 7.55 4.61
N PHE A 47 4.48 7.08 5.21
CA PHE A 47 4.84 5.68 5.06
C PHE A 47 4.03 4.78 5.99
N LEU A 48 3.69 3.61 5.49
CA LEU A 48 3.00 2.52 6.19
C LEU A 48 3.83 1.28 6.09
N PRO A 49 3.86 0.42 7.09
CA PRO A 49 4.49 -0.89 6.93
C PRO A 49 3.83 -1.69 5.81
N ILE A 50 4.64 -2.27 4.94
CA ILE A 50 4.09 -3.18 3.94
C ILE A 50 3.39 -4.37 4.58
N THR A 51 3.87 -4.83 5.73
CA THR A 51 3.18 -5.95 6.36
C THR A 51 1.81 -5.57 6.90
N LEU A 52 1.56 -4.28 7.14
CA LEU A 52 0.19 -3.86 7.50
C LEU A 52 -0.71 -4.02 6.29
N ILE A 53 -0.26 -3.54 5.13
CA ILE A 53 -1.04 -3.71 3.91
C ILE A 53 -1.26 -5.18 3.61
N ALA A 54 -0.26 -6.02 3.85
CA ALA A 54 -0.38 -7.46 3.61
C ALA A 54 -1.51 -8.09 4.43
N SER A 55 -1.87 -7.49 5.54
CA SER A 55 -2.93 -8.02 6.40
C SER A 55 -4.30 -7.65 5.88
N PHE A 56 -4.42 -6.71 4.99
CA PHE A 56 -5.74 -6.26 4.57
C PHE A 56 -6.44 -7.39 3.84
N HIS A 57 -7.73 -7.53 4.12
CA HIS A 57 -8.48 -8.72 3.66
C HIS A 57 -8.30 -9.04 2.17
N ARG A 58 -8.38 -8.04 1.30
CA ARG A 58 -8.34 -8.34 -0.14
C ARG A 58 -6.95 -8.72 -0.61
N VAL A 59 -5.89 -8.28 0.07
CA VAL A 59 -4.53 -8.70 -0.25
C VAL A 59 -4.27 -10.08 0.32
N GLN A 60 -4.64 -10.28 1.59
CA GLN A 60 -4.41 -11.58 2.21
C GLN A 60 -5.14 -12.70 1.49
N ALA A 61 -6.33 -12.40 0.96
CA ALA A 61 -7.02 -13.41 0.17
C ALA A 61 -6.15 -13.89 -0.98
N LEU A 62 -5.47 -12.96 -1.63
CA LEU A 62 -4.67 -13.27 -2.80
C LEU A 62 -3.37 -13.98 -2.47
N THR A 63 -2.71 -13.57 -1.39
CA THR A 63 -1.41 -14.15 -1.07
C THR A 63 -1.05 -13.86 0.38
N THR A 64 -0.20 -14.73 0.92
CA THR A 64 0.56 -14.40 2.13
C THR A 64 2.04 -14.35 1.90
N ASP A 65 2.47 -14.33 0.65
CA ASP A 65 3.88 -14.28 0.25
C ASP A 65 4.39 -12.86 0.25
N ILE A 66 5.20 -12.51 1.26
CA ILE A 66 5.65 -11.12 1.34
C ILE A 66 6.58 -10.72 0.16
N SER A 67 7.40 -11.64 -0.37
CA SER A 67 8.23 -11.30 -1.54
C SER A 67 7.36 -10.94 -2.70
N LEU A 68 6.24 -11.65 -2.84
CA LEU A 68 5.35 -11.37 -3.94
C LEU A 68 4.69 -10.00 -3.79
N ILE A 69 4.34 -9.64 -2.56
CA ILE A 69 3.77 -8.31 -2.35
C ILE A 69 4.81 -7.22 -2.65
N PHE A 70 6.04 -7.40 -2.14
CA PHE A 70 7.09 -6.44 -2.47
C PHE A 70 7.31 -6.35 -3.97
N ALA A 71 7.34 -7.50 -4.65
CA ALA A 71 7.57 -7.47 -6.10
C ALA A 71 6.43 -6.75 -6.81
N ALA A 72 5.21 -6.96 -6.37
CA ALA A 72 4.06 -6.27 -6.95
C ALA A 72 4.21 -4.75 -6.83
N LEU A 73 4.69 -4.27 -5.66
CA LEU A 73 4.81 -2.83 -5.39
C LEU A 73 5.97 -2.21 -6.13
N LYS A 74 7.01 -2.97 -6.38
CA LYS A 74 8.14 -2.42 -7.09
C LYS A 74 7.72 -2.10 -8.51
N ASP A 75 6.66 -2.75 -8.98
CA ASP A 75 6.11 -2.52 -10.31
C ASP A 75 5.20 -1.30 -10.42
N SER A 76 4.99 -0.54 -9.34
CA SER A 76 3.96 0.48 -9.36
C SER A 76 4.54 1.88 -9.53
N LYS A 77 3.84 2.73 -10.29
CA LYS A 77 4.16 4.16 -10.33
C LYS A 77 3.28 4.99 -9.41
N VAL A 78 2.39 4.36 -8.68
CA VAL A 78 1.53 5.05 -7.71
C VAL A 78 2.21 5.16 -6.35
N VAL A 79 2.89 4.09 -5.93
CA VAL A 79 3.51 4.02 -4.61
C VAL A 79 5.02 3.92 -4.74
N GLU A 80 5.71 4.21 -3.63
CA GLU A 80 7.14 3.97 -3.56
C GLU A 80 7.46 3.28 -2.25
N ILE A 81 8.42 2.38 -2.31
CA ILE A 81 8.93 1.58 -1.21
C ILE A 81 10.24 2.13 -0.73
N VAL A 82 10.40 2.25 0.58
CA VAL A 82 11.68 2.46 1.24
C VAL A 82 11.77 1.39 2.32
N ASP A 83 12.75 0.51 2.21
CA ASP A 83 12.89 -0.59 3.14
C ASP A 83 11.62 -1.37 3.33
N GLU A 84 11.02 -1.42 4.52
CA GLU A 84 9.84 -2.22 4.74
C GLU A 84 8.58 -1.40 4.67
N LYS A 85 8.64 -0.19 4.17
CA LYS A 85 7.51 0.71 4.19
C LYS A 85 7.12 1.19 2.80
N VAL A 86 5.89 1.63 2.65
CA VAL A 86 5.35 2.05 1.38
C VAL A 86 4.56 3.32 1.57
N ARG A 87 4.57 4.20 0.57
CA ARG A 87 3.76 5.42 0.60
C ARG A 87 3.29 5.78 -0.79
N ARG A 88 2.24 6.60 -0.87
CA ARG A 88 1.86 7.19 -2.15
C ARG A 88 2.95 8.14 -2.61
N ARG A 89 3.34 8.05 -3.89
CA ARG A 89 4.42 8.89 -4.39
C ARG A 89 4.04 10.36 -4.43
N GLU A 90 2.82 10.67 -4.84
CA GLU A 90 2.42 12.06 -5.03
C GLU A 90 1.94 12.63 -3.70
N GLU A 91 2.60 13.70 -3.23
CA GLU A 91 2.18 14.46 -2.06
C GLU A 91 1.81 13.58 -0.85
N PRO A 92 2.68 12.63 -0.46
CA PRO A 92 2.28 11.74 0.65
C PRO A 92 2.05 12.44 1.97
N GLU A 93 2.68 13.59 2.19
CA GLU A 93 2.59 14.29 3.46
C GLU A 93 1.23 14.88 3.69
N LYS A 94 0.37 14.92 2.69
CA LYS A 94 -0.93 15.52 2.94
C LYS A 94 -1.90 14.58 3.66
N TRP A 95 -1.58 13.28 3.71
CA TRP A 95 -2.55 12.30 4.16
C TRP A 95 -2.46 11.81 5.60
N PRO A 96 -1.31 11.86 6.31
CA PRO A 96 -1.31 11.27 7.66
C PRO A 96 -2.32 11.97 8.57
N LEU A 97 -2.84 11.20 9.51
CA LEU A 97 -3.77 11.72 10.51
C LEU A 97 -3.37 11.30 11.92
N PRO A 98 -3.81 12.05 12.93
CA PRO A 98 -3.53 11.67 14.33
C PRO A 98 -4.15 10.34 14.65
N PRO A 99 -3.43 9.50 15.40
CA PRO A 99 -3.86 8.13 15.75
C PRO A 99 -5.19 8.13 16.52
#